data_5TT0
#
_entry.id   5TT0
#
_cell.length_a   59.690
_cell.length_b   109.080
_cell.length_c   73.530
_cell.angle_alpha   90.000
_cell.angle_beta   99.650
_cell.angle_gamma   90.000
#
_symmetry.space_group_name_H-M   'C 1 2 1'
#
loop_
_entity.id
_entity.type
_entity.pdbx_description
1 polymer 'Oxidoreductase, short chain dehydrogenase/reductase family'
2 non-polymer 'SULFATE ION'
3 non-polymer 1,2-ETHANEDIOL
4 non-polymer 'SODIUM ION'
5 water water
#
_entity_poly.entity_id   1
_entity_poly.type   'polypeptide(L)'
_entity_poly.pdbx_seq_one_letter_code
;MAHHHHHHMTTPRTTLITGAAGGIGQALVRRFLAAGDRVLALDRDRAALAAFVDALGGAAVAPVVDDLTDAARLADALAN
ERVDVLVANAGTAASATLRATTSASWRADLDANLTATYVSVEAVLAGMRARRRGAITIVGSVNGVAALGHPAYSAAKAGL
ISYAKSLAIEYGRDGVRANVVCPGTVKTPAWEARVRQNPQVFEQLKKWYPLDDFATPDDVANAALFLSSDAARAITGAML
PVDGGLLAGNRVMAQELTLESFY
;
_entity_poly.pdbx_strand_id   A,B
#
loop_
_chem_comp.id
_chem_comp.type
_chem_comp.name
_chem_comp.formula
EDO non-polymer 1,2-ETHANEDIOL 'C2 H6 O2'
NA non-polymer 'SODIUM ION' 'Na 1'
SO4 non-polymer 'SULFATE ION' 'O4 S -2'
#
# COMPACT_ATOMS: atom_id res chain seq x y z
N THR A 10 1.19 -16.16 -23.73
CA THR A 10 0.13 -17.05 -24.19
C THR A 10 -0.13 -18.16 -23.18
N THR A 11 0.66 -18.16 -22.10
CA THR A 11 0.46 -19.07 -20.99
C THR A 11 0.20 -18.29 -19.72
N PRO A 12 -0.53 -18.85 -18.77
CA PRO A 12 -0.88 -18.10 -17.56
C PRO A 12 0.33 -17.75 -16.72
N ARG A 13 0.26 -16.58 -16.10
CA ARG A 13 1.20 -16.23 -15.06
C ARG A 13 1.12 -17.27 -13.96
N THR A 14 2.28 -17.66 -13.43
CA THR A 14 2.34 -18.70 -12.41
C THR A 14 2.64 -18.07 -11.06
N THR A 15 1.80 -18.36 -10.07
CA THR A 15 1.93 -17.79 -8.73
C THR A 15 2.02 -18.91 -7.71
N LEU A 16 3.08 -18.88 -6.90
CA LEU A 16 3.26 -19.81 -5.80
C LEU A 16 2.73 -19.16 -4.52
N ILE A 17 1.78 -19.81 -3.86
CA ILE A 17 1.17 -19.27 -2.64
C ILE A 17 1.40 -20.28 -1.52
N THR A 18 2.11 -19.86 -0.48
CA THR A 18 2.41 -20.77 0.62
C THR A 18 1.38 -20.64 1.74
N GLY A 19 1.31 -21.67 2.56
CA GLY A 19 0.24 -21.73 3.55
C GLY A 19 -1.13 -21.73 2.90
N ALA A 20 -1.25 -22.37 1.74
CA ALA A 20 -2.41 -22.22 0.87
C ALA A 20 -3.69 -22.80 1.48
N ALA A 21 -3.60 -23.74 2.42
CA ALA A 21 -4.80 -24.36 2.95
C ALA A 21 -5.39 -23.62 4.15
N GLY A 22 -4.70 -22.59 4.66
CA GLY A 22 -5.21 -21.81 5.78
C GLY A 22 -6.24 -20.78 5.34
N GLY A 23 -6.72 -20.01 6.32
CA GLY A 23 -7.81 -19.08 6.05
C GLY A 23 -7.43 -18.01 5.03
N ILE A 24 -6.33 -17.30 5.28
CA ILE A 24 -5.85 -16.32 4.31
C ILE A 24 -5.33 -17.02 3.06
N GLY A 25 -4.66 -18.15 3.23
CA GLY A 25 -4.14 -18.88 2.07
C GLY A 25 -5.20 -19.26 1.04
N GLN A 26 -6.34 -19.78 1.50
CA GLN A 26 -7.39 -20.15 0.55
C GLN A 26 -7.93 -18.92 -0.17
N ALA A 27 -8.08 -17.80 0.55
CA ALA A 27 -8.55 -16.59 -0.09
C ALA A 27 -7.54 -16.08 -1.12
N LEU A 28 -6.25 -16.20 -0.80
CA LEU A 28 -5.20 -15.83 -1.76
C LEU A 28 -5.30 -16.69 -3.02
N VAL A 29 -5.38 -18.01 -2.85
CA VAL A 29 -5.49 -18.90 -4.00
C VAL A 29 -6.71 -18.55 -4.85
N ARG A 30 -7.87 -18.33 -4.21
CA ARG A 30 -9.06 -18.03 -4.97
C ARG A 30 -8.93 -16.71 -5.73
N ARG A 31 -8.34 -15.70 -5.10
CA ARG A 31 -8.24 -14.39 -5.74
C ARG A 31 -7.28 -14.42 -6.93
N PHE A 32 -6.13 -15.08 -6.78
CA PHE A 32 -5.19 -15.14 -7.90
C PHE A 32 -5.71 -16.06 -9.01
N LEU A 33 -6.43 -17.12 -8.66
CA LEU A 33 -7.09 -17.92 -9.70
C LEU A 33 -8.10 -17.06 -10.48
N ALA A 34 -8.86 -16.23 -9.76
CA ALA A 34 -9.84 -15.35 -10.42
C ALA A 34 -9.15 -14.35 -11.34
N ALA A 35 -7.93 -13.96 -11.00
CA ALA A 35 -7.18 -13.03 -11.84
C ALA A 35 -6.51 -13.71 -13.02
N GLY A 36 -6.70 -15.02 -13.17
CA GLY A 36 -6.26 -15.74 -14.35
C GLY A 36 -4.96 -16.49 -14.19
N ASP A 37 -4.41 -16.55 -12.98
CA ASP A 37 -3.13 -17.20 -12.76
C ASP A 37 -3.26 -18.71 -12.71
N ARG A 38 -2.19 -19.39 -13.08
CA ARG A 38 -1.95 -20.74 -12.61
C ARG A 38 -1.38 -20.64 -11.20
N VAL A 39 -2.00 -21.29 -10.23
CA VAL A 39 -1.58 -21.17 -8.84
C VAL A 39 -0.97 -22.48 -8.38
N LEU A 40 0.24 -22.40 -7.84
CA LEU A 40 0.83 -23.53 -7.13
C LEU A 40 0.50 -23.33 -5.65
N ALA A 41 -0.37 -24.17 -5.13
CA ALA A 41 -0.85 -24.02 -3.76
C ALA A 41 0.01 -24.91 -2.86
N LEU A 42 0.84 -24.28 -2.03
CA LEU A 42 1.82 -24.99 -1.21
C LEU A 42 1.36 -25.00 0.24
N ASP A 43 1.36 -26.18 0.84
CA ASP A 43 1.05 -26.32 2.26
C ASP A 43 1.75 -27.56 2.78
N ARG A 44 2.02 -27.57 4.09
CA ARG A 44 2.59 -28.77 4.68
C ARG A 44 1.54 -29.84 4.95
N ASP A 45 0.27 -29.45 5.03
CA ASP A 45 -0.81 -30.36 5.41
C ASP A 45 -1.39 -30.97 4.14
N ARG A 46 -0.95 -32.19 3.81
CA ARG A 46 -1.31 -32.81 2.54
C ARG A 46 -2.83 -33.01 2.42
N ALA A 47 -3.45 -33.54 3.48
CA ALA A 47 -4.88 -33.84 3.42
C ALA A 47 -5.72 -32.58 3.33
N ALA A 48 -5.37 -31.54 4.09
CA ALA A 48 -6.11 -30.29 4.01
C ALA A 48 -5.95 -29.65 2.64
N LEU A 49 -4.74 -29.73 2.08
CA LEU A 49 -4.47 -29.15 0.77
C LEU A 49 -5.24 -29.89 -0.33
N ALA A 50 -5.21 -31.23 -0.29
CA ALA A 50 -5.93 -32.01 -1.30
C ALA A 50 -7.42 -31.69 -1.27
N ALA A 51 -7.99 -31.53 -0.08
CA ALA A 51 -9.41 -31.22 0.05
C ALA A 51 -9.74 -29.87 -0.56
N PHE A 52 -8.91 -28.86 -0.28
CA PHE A 52 -9.11 -27.54 -0.87
C PHE A 52 -9.02 -27.60 -2.39
N VAL A 53 -8.04 -28.32 -2.92
CA VAL A 53 -7.93 -28.47 -4.37
C VAL A 53 -9.20 -29.10 -4.94
N ASP A 54 -9.74 -30.15 -4.29
CA ASP A 54 -11.02 -30.72 -4.70
C ASP A 54 -12.12 -29.65 -4.72
N ALA A 55 -12.19 -28.85 -3.64
CA ALA A 55 -13.23 -27.84 -3.55
C ALA A 55 -13.13 -26.80 -4.66
N LEU A 56 -11.92 -26.54 -5.17
CA LEU A 56 -11.77 -25.54 -6.23
C LEU A 56 -12.36 -25.97 -7.56
N GLY A 57 -12.68 -27.25 -7.73
CA GLY A 57 -13.49 -27.64 -8.87
C GLY A 57 -12.80 -27.64 -10.22
N GLY A 58 -11.53 -28.01 -10.28
CA GLY A 58 -10.87 -28.15 -11.56
C GLY A 58 -10.30 -26.86 -12.09
N ALA A 59 -9.89 -25.96 -11.20
CA ALA A 59 -9.24 -24.72 -11.55
C ALA A 59 -7.79 -24.98 -11.98
N ALA A 60 -7.10 -23.90 -12.36
CA ALA A 60 -5.69 -23.98 -12.76
C ALA A 60 -4.81 -23.94 -11.51
N VAL A 61 -4.93 -24.98 -10.70
CA VAL A 61 -4.23 -25.07 -9.42
C VAL A 61 -3.54 -26.42 -9.33
N ALA A 62 -2.34 -26.42 -8.72
CA ALA A 62 -1.59 -27.66 -8.55
C ALA A 62 -1.04 -27.63 -7.13
N PRO A 63 -1.23 -28.70 -6.36
CA PRO A 63 -0.72 -28.71 -4.98
C PRO A 63 0.76 -29.02 -4.91
N VAL A 64 1.41 -28.37 -3.93
CA VAL A 64 2.78 -28.68 -3.55
C VAL A 64 2.80 -28.90 -2.04
N VAL A 65 3.21 -30.09 -1.62
CA VAL A 65 3.34 -30.41 -0.21
C VAL A 65 4.80 -30.23 0.18
N ASP A 66 5.07 -29.25 1.05
CA ASP A 66 6.42 -28.90 1.44
C ASP A 66 6.34 -28.12 2.75
N ASP A 67 7.35 -28.29 3.60
CA ASP A 67 7.34 -27.64 4.91
C ASP A 67 8.28 -26.44 4.99
N LEU A 68 8.88 -26.04 3.88
CA LEU A 68 9.65 -24.78 3.77
C LEU A 68 10.87 -24.78 4.67
N THR A 69 11.53 -25.92 4.79
CA THR A 69 12.78 -26.00 5.51
C THR A 69 13.98 -26.28 4.61
N ASP A 70 13.78 -26.52 3.32
CA ASP A 70 14.87 -26.90 2.42
C ASP A 70 14.63 -26.24 1.06
N ALA A 71 15.38 -25.19 0.75
CA ALA A 71 15.13 -24.45 -0.50
C ALA A 71 15.45 -25.30 -1.73
N ALA A 72 16.55 -26.06 -1.68
CA ALA A 72 16.94 -26.84 -2.85
C ALA A 72 15.94 -27.95 -3.14
N ARG A 73 15.44 -28.62 -2.09
CA ARG A 73 14.36 -29.58 -2.30
C ARG A 73 13.17 -28.94 -2.98
N LEU A 74 12.74 -27.77 -2.49
CA LEU A 74 11.60 -27.09 -3.08
C LEU A 74 11.88 -26.69 -4.54
N ALA A 75 13.07 -26.16 -4.80
CA ALA A 75 13.42 -25.76 -6.16
C ALA A 75 13.34 -26.95 -7.11
N ASP A 76 13.79 -28.11 -6.67
CA ASP A 76 13.75 -29.30 -7.51
C ASP A 76 12.31 -29.73 -7.77
N ALA A 77 11.46 -29.61 -6.75
CA ALA A 77 10.04 -29.91 -6.94
C ALA A 77 9.40 -28.97 -7.95
N LEU A 78 9.94 -27.76 -8.10
CA LEU A 78 9.38 -26.73 -8.97
C LEU A 78 10.07 -26.69 -10.34
N ALA A 79 10.79 -27.75 -10.71
CA ALA A 79 11.63 -27.68 -11.90
C ALA A 79 10.82 -27.54 -13.18
N ASN A 80 9.59 -28.04 -13.22
CA ASN A 80 8.75 -27.92 -14.41
C ASN A 80 7.92 -26.64 -14.41
N GLU A 81 8.08 -25.78 -13.41
CA GLU A 81 7.31 -24.55 -13.31
C GLU A 81 8.24 -23.35 -13.49
N ARG A 82 7.65 -22.21 -13.85
CA ARG A 82 8.36 -20.93 -14.00
C ARG A 82 7.57 -19.90 -13.18
N VAL A 83 7.91 -19.78 -11.89
CA VAL A 83 7.13 -18.98 -10.95
C VAL A 83 7.41 -17.49 -11.17
N ASP A 84 6.34 -16.73 -11.44
CA ASP A 84 6.42 -15.28 -11.65
C ASP A 84 6.17 -14.49 -10.38
N VAL A 85 5.36 -15.03 -9.49
CA VAL A 85 4.91 -14.34 -8.28
C VAL A 85 4.97 -15.33 -7.12
N LEU A 86 5.57 -14.91 -6.02
CA LEU A 86 5.50 -15.64 -4.76
C LEU A 86 4.65 -14.83 -3.78
N VAL A 87 3.60 -15.45 -3.25
CA VAL A 87 2.91 -14.89 -2.08
C VAL A 87 3.34 -15.73 -0.89
N ALA A 88 4.22 -15.16 -0.06
CA ALA A 88 4.79 -15.88 1.08
C ALA A 88 3.86 -15.69 2.28
N ASN A 89 3.00 -16.69 2.52
CA ASN A 89 1.94 -16.59 3.50
C ASN A 89 2.04 -17.61 4.63
N ALA A 90 2.89 -18.63 4.50
CA ALA A 90 3.04 -19.60 5.59
C ALA A 90 3.59 -18.94 6.85
N GLY A 91 3.12 -19.43 7.99
CA GLY A 91 3.64 -19.02 9.28
C GLY A 91 2.53 -18.66 10.25
N THR A 92 2.50 -19.32 11.39
CA THR A 92 1.53 -19.04 12.45
C THR A 92 2.28 -18.77 13.74
N ALA A 93 1.60 -18.11 14.67
CA ALA A 93 2.21 -17.78 15.95
C ALA A 93 2.10 -18.96 16.91
N ALA A 94 3.12 -19.13 17.73
CA ALA A 94 3.04 -20.08 18.83
C ALA A 94 2.68 -19.34 20.11
N SER A 95 3.69 -18.98 20.89
CA SER A 95 3.42 -18.46 22.22
C SER A 95 2.85 -17.06 22.16
N ALA A 96 1.88 -16.80 23.02
CA ALA A 96 1.15 -15.54 23.01
C ALA A 96 1.81 -14.44 23.83
N THR A 97 2.65 -14.80 24.80
CA THR A 97 3.32 -13.81 25.63
C THR A 97 4.76 -14.25 25.84
N LEU A 98 5.59 -13.31 26.28
CA LEU A 98 6.95 -13.70 26.67
C LEU A 98 6.91 -14.64 27.87
N ARG A 99 5.94 -14.43 28.77
CA ARG A 99 5.77 -15.35 29.90
C ARG A 99 5.62 -16.79 29.42
N ALA A 100 4.85 -17.00 28.37
CA ALA A 100 4.55 -18.33 27.85
C ALA A 100 5.60 -18.85 26.89
N THR A 101 6.57 -18.01 26.52
CA THR A 101 7.57 -18.38 25.52
C THR A 101 8.70 -19.18 26.15
N THR A 102 9.15 -20.21 25.42
CA THR A 102 10.35 -20.96 25.76
C THR A 102 11.42 -20.70 24.70
N SER A 103 12.66 -21.07 25.00
CA SER A 103 13.69 -20.96 23.97
C SER A 103 13.29 -21.73 22.73
N ALA A 104 12.77 -22.95 22.92
CA ALA A 104 12.34 -23.76 21.77
C ALA A 104 11.21 -23.09 20.99
N SER A 105 10.20 -22.55 21.68
CA SER A 105 9.09 -21.97 20.93
C SER A 105 9.48 -20.65 20.29
N TRP A 106 10.43 -19.94 20.90
CA TRP A 106 11.00 -18.75 20.27
C TRP A 106 11.68 -19.12 18.95
N ARG A 107 12.60 -20.08 18.99
CA ARG A 107 13.31 -20.48 17.78
C ARG A 107 12.36 -21.05 16.74
N ALA A 108 11.35 -21.81 17.18
CA ALA A 108 10.40 -22.40 16.24
C ALA A 108 9.58 -21.33 15.53
N ASP A 109 9.17 -20.28 16.25
CA ASP A 109 8.44 -19.20 15.59
C ASP A 109 9.33 -18.45 14.60
N LEU A 110 10.62 -18.28 14.92
CA LEU A 110 11.52 -17.62 13.97
C LEU A 110 11.66 -18.46 12.70
N ASP A 111 11.84 -19.77 12.85
CA ASP A 111 11.97 -20.65 11.69
C ASP A 111 10.70 -20.67 10.84
N ALA A 112 9.54 -20.73 11.49
CA ALA A 112 8.30 -20.93 10.76
C ALA A 112 7.81 -19.66 10.08
N ASN A 113 8.19 -18.50 10.62
CA ASN A 113 7.62 -17.25 10.17
C ASN A 113 8.61 -16.36 9.42
N LEU A 114 9.90 -16.52 9.64
CA LEU A 114 10.91 -15.73 8.95
C LEU A 114 11.74 -16.59 8.01
N THR A 115 12.34 -17.66 8.51
CA THR A 115 13.21 -18.48 7.67
C THR A 115 12.41 -19.25 6.62
N ALA A 116 11.18 -19.66 6.94
CA ALA A 116 10.35 -20.31 5.93
C ALA A 116 10.16 -19.40 4.72
N THR A 117 10.07 -18.09 4.95
CA THR A 117 9.93 -17.16 3.83
C THR A 117 11.22 -17.05 3.04
N TYR A 118 12.36 -17.01 3.73
CA TYR A 118 13.65 -17.06 3.05
C TYR A 118 13.74 -18.29 2.14
N VAL A 119 13.36 -19.45 2.68
CA VAL A 119 13.39 -20.69 1.90
C VAL A 119 12.49 -20.58 0.69
N SER A 120 11.28 -20.03 0.86
CA SER A 120 10.33 -19.88 -0.23
CA SER A 120 10.36 -19.94 -0.27
C SER A 120 10.91 -19.01 -1.35
N VAL A 121 11.50 -17.87 -0.95
CA VAL A 121 12.09 -16.96 -1.92
C VAL A 121 13.22 -17.62 -2.68
N GLU A 122 14.15 -18.26 -1.95
CA GLU A 122 15.31 -18.86 -2.59
C GLU A 122 14.92 -19.96 -3.57
N ALA A 123 13.75 -20.59 -3.39
CA ALA A 123 13.33 -21.63 -4.32
C ALA A 123 12.85 -21.09 -5.67
N VAL A 124 12.57 -19.79 -5.79
CA VAL A 124 11.98 -19.26 -7.02
C VAL A 124 12.76 -18.06 -7.56
N LEU A 125 13.70 -17.51 -6.78
CA LEU A 125 14.31 -16.22 -7.12
C LEU A 125 15.18 -16.29 -8.37
N ALA A 126 15.88 -17.41 -8.61
CA ALA A 126 16.75 -17.48 -9.78
C ALA A 126 15.96 -17.27 -11.07
N GLY A 127 14.83 -17.95 -11.20
CA GLY A 127 14.04 -17.81 -12.42
C GLY A 127 13.50 -16.40 -12.60
N MET A 128 13.05 -15.79 -11.51
CA MET A 128 12.58 -14.40 -11.60
C MET A 128 13.68 -13.50 -12.12
N ARG A 129 14.88 -13.64 -11.57
CA ARG A 129 15.99 -12.80 -11.99
C ARG A 129 16.41 -13.11 -13.43
N ALA A 130 16.34 -14.37 -13.84
CA ALA A 130 16.71 -14.75 -15.19
C ALA A 130 15.77 -14.12 -16.21
N ARG A 131 14.49 -14.04 -15.87
CA ARG A 131 13.50 -13.46 -16.76
C ARG A 131 13.31 -11.97 -16.52
N ARG A 132 14.08 -11.38 -15.59
CA ARG A 132 13.98 -9.96 -15.24
C ARG A 132 12.54 -9.60 -14.87
N ARG A 133 11.88 -10.48 -14.12
CA ARG A 133 10.47 -10.30 -13.83
C ARG A 133 10.09 -11.15 -12.63
N GLY A 134 9.75 -10.50 -11.52
CA GLY A 134 9.29 -11.23 -10.36
C GLY A 134 8.63 -10.31 -9.35
N ALA A 135 7.64 -10.82 -8.63
CA ALA A 135 7.04 -10.10 -7.51
C ALA A 135 7.01 -11.03 -6.31
N ILE A 136 7.59 -10.57 -5.20
CA ILE A 136 7.56 -11.28 -3.93
C ILE A 136 6.66 -10.48 -3.00
N THR A 137 5.54 -11.06 -2.61
CA THR A 137 4.57 -10.39 -1.76
C THR A 137 4.46 -11.19 -0.48
N ILE A 138 4.96 -10.62 0.61
CA ILE A 138 5.06 -11.31 1.89
C ILE A 138 3.87 -10.93 2.74
N VAL A 139 3.20 -11.91 3.32
CA VAL A 139 2.11 -11.62 4.24
C VAL A 139 2.72 -11.53 5.64
N GLY A 140 2.77 -10.32 6.16
CA GLY A 140 3.36 -10.07 7.46
C GLY A 140 2.28 -9.96 8.52
N SER A 141 2.38 -8.96 9.37
CA SER A 141 1.40 -8.74 10.43
C SER A 141 1.62 -7.36 11.01
N VAL A 142 0.52 -6.75 11.46
CA VAL A 142 0.65 -5.50 12.22
C VAL A 142 1.50 -5.73 13.47
N ASN A 143 1.56 -6.98 13.97
CA ASN A 143 2.39 -7.29 15.13
C ASN A 143 3.87 -7.08 14.85
N GLY A 144 4.28 -7.07 13.59
CA GLY A 144 5.65 -6.78 13.22
C GLY A 144 6.03 -5.31 13.31
N VAL A 145 5.05 -4.45 13.60
CA VAL A 145 5.24 -3.00 13.62
C VAL A 145 4.97 -2.44 15.01
N ALA A 146 4.02 -3.03 15.73
CA ALA A 146 3.61 -2.56 17.05
C ALA A 146 3.53 -3.74 18.02
N ALA A 147 3.82 -3.48 19.30
CA ALA A 147 3.78 -4.54 20.31
C ALA A 147 2.34 -4.84 20.70
N LEU A 148 1.86 -6.04 20.32
CA LEU A 148 0.47 -6.42 20.52
C LEU A 148 0.34 -7.84 21.06
N GLY A 149 1.44 -8.48 21.46
CA GLY A 149 1.42 -9.88 21.86
C GLY A 149 2.12 -10.77 20.84
N HIS A 150 2.18 -12.06 21.17
CA HIS A 150 2.81 -13.07 20.32
C HIS A 150 4.23 -12.64 19.94
N PRO A 151 5.16 -12.64 20.90
CA PRO A 151 6.39 -11.86 20.70
C PRO A 151 7.40 -12.47 19.75
N ALA A 152 7.61 -13.80 19.76
CA ALA A 152 8.54 -14.36 18.78
C ALA A 152 7.98 -14.23 17.37
N TYR A 153 6.70 -14.52 17.20
CA TYR A 153 6.02 -14.27 15.94
C TYR A 153 6.22 -12.82 15.50
N SER A 154 6.05 -11.89 16.44
CA SER A 154 6.18 -10.47 16.11
C SER A 154 7.59 -10.12 15.67
N ALA A 155 8.59 -10.62 16.40
CA ALA A 155 9.98 -10.40 16.00
C ALA A 155 10.25 -10.97 14.61
N ALA A 156 9.73 -12.17 14.31
CA ALA A 156 9.87 -12.74 12.98
C ALA A 156 9.20 -11.85 11.93
N LYS A 157 8.00 -11.35 12.23
CA LYS A 157 7.29 -10.51 11.26
C LYS A 157 7.98 -9.16 11.08
N ALA A 158 8.61 -8.61 12.13
CA ALA A 158 9.46 -7.44 11.95
C ALA A 158 10.64 -7.77 11.04
N GLY A 159 11.25 -8.94 11.24
CA GLY A 159 12.31 -9.37 10.37
C GLY A 159 11.88 -9.48 8.91
N LEU A 160 10.62 -9.84 8.66
CA LEU A 160 10.14 -9.96 7.29
C LEU A 160 10.10 -8.61 6.60
N ILE A 161 9.76 -7.55 7.35
CA ILE A 161 9.80 -6.21 6.78
C ILE A 161 11.21 -5.84 6.39
N SER A 162 12.18 -6.12 7.28
CA SER A 162 13.58 -5.92 6.95
C SER A 162 13.98 -6.72 5.71
N TYR A 163 13.57 -7.98 5.66
CA TYR A 163 13.94 -8.86 4.54
C TYR A 163 13.39 -8.35 3.22
N ALA A 164 12.13 -7.92 3.22
CA ALA A 164 11.55 -7.34 2.02
C ALA A 164 12.38 -6.16 1.53
N LYS A 165 12.83 -5.30 2.45
CA LYS A 165 13.62 -4.13 2.03
C LYS A 165 14.98 -4.56 1.51
N SER A 166 15.59 -5.57 2.14
CA SER A 166 16.85 -6.09 1.65
C SER A 166 16.69 -6.70 0.26
N LEU A 167 15.62 -7.47 0.05
CA LEU A 167 15.32 -7.98 -1.29
C LEU A 167 15.14 -6.83 -2.27
N ALA A 168 14.41 -5.79 -1.86
CA ALA A 168 14.09 -4.71 -2.79
C ALA A 168 15.36 -4.02 -3.28
N ILE A 169 16.31 -3.71 -2.39
CA ILE A 169 17.46 -2.93 -2.84
C ILE A 169 18.46 -3.79 -3.61
N GLU A 170 18.49 -5.10 -3.35
CA GLU A 170 19.51 -5.93 -3.99
C GLU A 170 19.06 -6.47 -5.34
N TYR A 171 17.76 -6.72 -5.52
CA TYR A 171 17.29 -7.39 -6.71
C TYR A 171 16.37 -6.53 -7.56
N GLY A 172 16.14 -5.28 -7.19
CA GLY A 172 15.40 -4.38 -8.05
C GLY A 172 16.05 -4.21 -9.40
N ARG A 173 17.39 -4.21 -9.44
CA ARG A 173 18.12 -4.13 -10.71
C ARG A 173 17.82 -5.32 -11.62
N ASP A 174 17.28 -6.40 -11.07
CA ASP A 174 16.88 -7.59 -11.82
C ASP A 174 15.40 -7.61 -12.12
N GLY A 175 14.69 -6.50 -11.89
CA GLY A 175 13.27 -6.48 -12.13
C GLY A 175 12.44 -7.26 -11.14
N VAL A 176 12.96 -7.52 -9.94
CA VAL A 176 12.22 -8.23 -8.90
C VAL A 176 11.81 -7.23 -7.83
N ARG A 177 10.52 -7.24 -7.49
CA ARG A 177 9.96 -6.39 -6.46
C ARG A 177 9.63 -7.22 -5.23
N ALA A 178 9.69 -6.60 -4.05
CA ALA A 178 9.38 -7.30 -2.82
C ALA A 178 8.66 -6.35 -1.86
N ASN A 179 7.48 -6.77 -1.38
CA ASN A 179 6.67 -5.92 -0.53
C ASN A 179 6.00 -6.78 0.55
N VAL A 180 5.52 -6.13 1.60
CA VAL A 180 4.86 -6.81 2.72
C VAL A 180 3.45 -6.26 2.89
N VAL A 181 2.47 -7.17 2.92
CA VAL A 181 1.11 -6.86 3.36
C VAL A 181 1.00 -7.22 4.83
N CYS A 182 0.54 -6.28 5.66
CA CYS A 182 0.46 -6.48 7.11
C CYS A 182 -0.97 -6.48 7.60
N PRO A 183 -1.60 -7.65 7.69
CA PRO A 183 -2.97 -7.72 8.19
C PRO A 183 -3.05 -7.43 9.68
N GLY A 184 -4.18 -6.86 10.07
CA GLY A 184 -4.59 -6.85 11.47
C GLY A 184 -5.31 -8.14 11.80
N THR A 185 -6.26 -8.05 12.73
CA THR A 185 -7.06 -9.21 13.07
C THR A 185 -7.84 -9.63 11.83
N VAL A 186 -7.73 -10.90 11.49
CA VAL A 186 -8.48 -11.50 10.40
C VAL A 186 -9.07 -12.78 10.98
N LYS A 187 -10.32 -13.05 10.65
CA LYS A 187 -11.02 -14.22 11.16
C LYS A 187 -10.53 -15.43 10.38
N THR A 188 -9.70 -16.23 11.02
CA THR A 188 -9.18 -17.49 10.49
C THR A 188 -9.26 -18.56 11.58
N PRO A 189 -9.05 -19.82 11.22
CA PRO A 189 -8.99 -20.88 12.24
C PRO A 189 -7.93 -20.66 13.32
N ALA A 190 -6.96 -19.76 13.09
CA ALA A 190 -5.97 -19.47 14.12
C ALA A 190 -6.59 -18.88 15.38
N TRP A 191 -7.85 -18.45 15.33
CA TRP A 191 -8.55 -17.87 16.47
C TRP A 191 -9.48 -18.85 17.17
N GLU A 192 -9.55 -20.09 16.71
CA GLU A 192 -10.54 -21.03 17.26
C GLU A 192 -10.37 -21.23 18.75
N ALA A 193 -9.12 -21.40 19.21
CA ALA A 193 -8.89 -21.63 20.63
C ALA A 193 -9.28 -20.41 21.47
N ARG A 194 -8.94 -19.21 21.00
CA ARG A 194 -9.28 -18.00 21.75
C ARG A 194 -10.78 -17.75 21.75
N VAL A 195 -11.45 -18.02 20.63
CA VAL A 195 -12.91 -17.87 20.59
C VAL A 195 -13.57 -18.83 21.55
N ARG A 196 -13.02 -20.05 21.68
CA ARG A 196 -13.57 -20.98 22.65
C ARG A 196 -13.32 -20.53 24.08
N GLN A 197 -12.24 -19.78 24.32
CA GLN A 197 -11.95 -19.31 25.67
C GLN A 197 -12.76 -18.06 26.01
N ASN A 198 -12.91 -17.14 25.06
CA ASN A 198 -13.68 -15.91 25.25
C ASN A 198 -14.49 -15.68 23.98
N PRO A 199 -15.74 -16.16 23.95
CA PRO A 199 -16.54 -16.07 22.71
C PRO A 199 -16.88 -14.65 22.30
N GLN A 200 -16.69 -13.66 23.17
CA GLN A 200 -16.91 -12.26 22.82
C GLN A 200 -15.62 -11.55 22.43
N VAL A 201 -14.56 -12.31 22.12
CA VAL A 201 -13.28 -11.67 21.81
C VAL A 201 -13.40 -10.80 20.57
N PHE A 202 -14.15 -11.26 19.57
CA PHE A 202 -14.24 -10.50 18.33
C PHE A 202 -15.02 -9.20 18.51
N GLU A 203 -16.13 -9.25 19.24
CA GLU A 203 -16.91 -8.02 19.44
C GLU A 203 -16.18 -7.05 20.36
N GLN A 204 -15.44 -7.58 21.36
CA GLN A 204 -14.63 -6.71 22.20
C GLN A 204 -13.49 -6.08 21.43
N LEU A 205 -13.03 -6.70 20.34
CA LEU A 205 -11.92 -6.16 19.59
C LEU A 205 -12.32 -5.03 18.65
N LYS A 206 -13.61 -4.91 18.30
CA LYS A 206 -14.00 -3.94 17.29
C LYS A 206 -13.65 -2.51 17.70
N LYS A 207 -13.66 -2.22 19.01
CA LYS A 207 -13.40 -0.85 19.46
C LYS A 207 -12.03 -0.35 19.05
N TRP A 208 -11.07 -1.26 18.84
CA TRP A 208 -9.71 -0.86 18.48
C TRP A 208 -9.58 -0.44 17.03
N TYR A 209 -10.55 -0.81 16.19
CA TYR A 209 -10.40 -0.68 14.74
C TYR A 209 -11.20 0.52 14.27
N PRO A 210 -10.57 1.52 13.66
CA PRO A 210 -11.33 2.69 13.21
C PRO A 210 -12.47 2.35 12.28
N LEU A 211 -12.30 1.35 11.41
CA LEU A 211 -13.38 0.98 10.50
C LEU A 211 -14.45 0.12 11.17
N ASP A 212 -14.32 -0.14 12.47
CA ASP A 212 -15.33 -0.82 13.26
C ASP A 212 -15.61 -2.21 12.70
N ASP A 213 -14.61 -2.78 12.06
CA ASP A 213 -14.70 -4.11 11.48
C ASP A 213 -13.30 -4.55 11.10
N PHE A 214 -13.14 -5.85 10.93
CA PHE A 214 -11.84 -6.42 10.64
C PHE A 214 -11.68 -6.60 9.14
N ALA A 215 -10.44 -6.57 8.69
CA ALA A 215 -10.14 -7.06 7.36
C ALA A 215 -10.58 -8.51 7.26
N THR A 216 -11.05 -8.88 6.09
CA THR A 216 -11.40 -10.25 5.75
C THR A 216 -10.24 -10.91 5.01
N PRO A 217 -10.25 -12.24 4.89
CA PRO A 217 -9.23 -12.88 4.04
C PRO A 217 -9.22 -12.34 2.62
N ASP A 218 -10.40 -12.05 2.05
CA ASP A 218 -10.48 -11.47 0.71
CA ASP A 218 -10.42 -11.51 0.70
C ASP A 218 -9.82 -10.11 0.65
N ASP A 219 -9.99 -9.30 1.71
CA ASP A 219 -9.35 -7.98 1.74
C ASP A 219 -7.84 -8.11 1.67
N VAL A 220 -7.28 -9.03 2.46
CA VAL A 220 -5.84 -9.27 2.39
C VAL A 220 -5.44 -9.75 1.01
N ALA A 221 -6.20 -10.67 0.43
CA ALA A 221 -5.87 -11.17 -0.90
C ALA A 221 -5.93 -10.08 -1.96
N ASN A 222 -6.87 -9.13 -1.82
CA ASN A 222 -6.94 -8.03 -2.77
C ASN A 222 -5.69 -7.16 -2.73
N ALA A 223 -5.15 -6.90 -1.53
CA ALA A 223 -3.93 -6.12 -1.42
C ALA A 223 -2.74 -6.88 -2.00
N ALA A 224 -2.68 -8.19 -1.73
CA ALA A 224 -1.60 -9.00 -2.29
C ALA A 224 -1.66 -9.03 -3.80
N LEU A 225 -2.87 -9.15 -4.38
CA LEU A 225 -3.03 -9.12 -5.83
C LEU A 225 -2.55 -7.78 -6.40
N PHE A 226 -2.97 -6.67 -5.79
CA PHE A 226 -2.50 -5.36 -6.24
C PHE A 226 -0.97 -5.29 -6.23
N LEU A 227 -0.36 -5.63 -5.09
CA LEU A 227 1.09 -5.46 -4.99
C LEU A 227 1.83 -6.38 -5.93
N SER A 228 1.20 -7.49 -6.33
CA SER A 228 1.82 -8.45 -7.24
C SER A 228 1.62 -8.08 -8.71
N SER A 229 0.92 -6.99 -9.01
CA SER A 229 0.46 -6.66 -10.36
C SER A 229 1.29 -5.52 -10.96
N ASP A 230 1.12 -5.35 -12.27
CA ASP A 230 1.75 -4.25 -12.98
C ASP A 230 1.20 -2.90 -12.55
N ALA A 231 0.04 -2.87 -11.89
CA ALA A 231 -0.47 -1.63 -11.31
C ALA A 231 0.37 -1.16 -10.11
N ALA A 232 1.34 -1.97 -9.67
CA ALA A 232 2.25 -1.66 -8.58
C ALA A 232 3.70 -1.82 -9.04
N ARG A 233 3.95 -1.65 -10.34
CA ARG A 233 5.28 -1.92 -10.90
C ARG A 233 6.36 -0.98 -10.36
N ALA A 234 5.99 0.15 -9.77
CA ALA A 234 6.95 1.06 -9.16
C ALA A 234 6.99 0.95 -7.64
N ILE A 235 6.37 -0.08 -7.08
CA ILE A 235 6.26 -0.23 -5.63
C ILE A 235 7.14 -1.40 -5.20
N THR A 236 8.13 -1.10 -4.37
CA THR A 236 8.95 -2.17 -3.84
C THR A 236 9.56 -1.70 -2.52
N GLY A 237 9.70 -2.64 -1.59
CA GLY A 237 10.16 -2.29 -0.25
C GLY A 237 9.08 -1.71 0.63
N ALA A 238 7.81 -1.82 0.22
CA ALA A 238 6.73 -1.16 0.94
C ALA A 238 6.10 -2.10 1.95
N MET A 239 5.60 -1.50 3.03
CA MET A 239 4.78 -2.18 4.03
C MET A 239 3.38 -1.60 3.94
N LEU A 240 2.42 -2.42 3.56
CA LEU A 240 1.05 -1.97 3.41
C LEU A 240 0.17 -2.61 4.47
N PRO A 241 -0.30 -1.86 5.46
CA PRO A 241 -1.22 -2.44 6.44
C PRO A 241 -2.60 -2.63 5.86
N VAL A 242 -3.18 -3.79 6.15
CA VAL A 242 -4.55 -4.09 5.78
C VAL A 242 -5.24 -4.43 7.09
N ASP A 243 -5.63 -3.39 7.83
CA ASP A 243 -5.80 -3.57 9.27
C ASP A 243 -6.95 -2.75 9.83
N GLY A 244 -7.88 -2.30 8.98
CA GLY A 244 -9.02 -1.54 9.45
C GLY A 244 -8.62 -0.24 10.12
N GLY A 245 -7.37 0.18 9.94
CA GLY A 245 -6.85 1.38 10.55
C GLY A 245 -6.13 1.20 11.86
N LEU A 246 -5.82 -0.05 12.25
CA LEU A 246 -5.28 -0.30 13.58
C LEU A 246 -3.96 0.44 13.83
N LEU A 247 -3.05 0.42 12.86
CA LEU A 247 -1.75 1.01 13.11
C LEU A 247 -1.74 2.53 13.09
N ALA A 248 -2.85 3.17 12.71
CA ALA A 248 -2.85 4.63 12.63
C ALA A 248 -2.70 5.29 13.99
N GLY A 249 -3.18 4.62 15.03
CA GLY A 249 -3.13 5.22 16.36
C GLY A 249 -3.96 4.42 17.34
N ASN A 250 -4.73 5.11 18.17
CA ASN A 250 -5.52 4.43 19.20
C ASN A 250 -6.76 5.27 19.45
N ARG A 251 -7.88 4.91 18.82
CA ARG A 251 -9.06 5.75 18.97
C ARG A 251 -9.72 5.58 20.32
N VAL A 252 -9.44 4.47 21.02
CA VAL A 252 -9.99 4.28 22.35
C VAL A 252 -9.30 5.21 23.35
N MET A 253 -7.96 5.28 23.27
CA MET A 253 -7.25 6.25 24.09
C MET A 253 -7.58 7.68 23.67
N ALA A 254 -7.70 7.93 22.35
CA ALA A 254 -8.06 9.27 21.89
C ALA A 254 -9.39 9.73 22.50
N GLN A 255 -10.38 8.84 22.57
CA GLN A 255 -11.64 9.18 23.20
C GLN A 255 -11.45 9.57 24.66
N GLU A 256 -10.61 8.83 25.38
CA GLU A 256 -10.39 9.16 26.78
C GLU A 256 -9.62 10.46 26.92
N LEU A 257 -8.71 10.74 25.99
CA LEU A 257 -7.87 11.94 26.09
C LEU A 257 -8.65 13.20 25.73
N THR A 258 -9.51 13.13 24.71
CA THR A 258 -10.23 14.29 24.22
C THR A 258 -11.58 14.49 24.88
N LEU A 259 -12.08 13.49 25.60
CA LEU A 259 -13.44 13.49 26.13
C LEU A 259 -14.49 13.65 25.04
N GLU A 260 -14.14 13.28 23.80
CA GLU A 260 -15.06 13.28 22.68
C GLU A 260 -15.21 11.85 22.16
N SER A 261 -16.34 11.59 21.51
CA SER A 261 -16.68 10.23 21.08
C SER A 261 -15.94 9.88 19.79
N PHE A 262 -15.17 8.78 19.84
CA PHE A 262 -14.49 8.27 18.66
C PHE A 262 -15.01 6.91 18.19
N TYR A 263 -15.79 6.22 19.01
CA TYR A 263 -16.22 4.86 18.67
C TYR A 263 -17.49 4.48 19.42
N THR B 10 -26.40 3.63 -9.37
CA THR B 10 -26.57 3.67 -10.82
C THR B 10 -25.82 4.83 -11.44
N THR B 11 -25.68 5.92 -10.69
CA THR B 11 -24.97 7.10 -11.17
C THR B 11 -23.47 6.93 -10.92
N PRO B 12 -22.63 7.66 -11.66
CA PRO B 12 -21.18 7.50 -11.48
C PRO B 12 -20.73 7.95 -10.11
N ARG B 13 -19.74 7.24 -9.59
CA ARG B 13 -19.01 7.74 -8.44
C ARG B 13 -18.34 9.06 -8.80
N THR B 14 -18.36 10.02 -7.87
CA THR B 14 -17.80 11.34 -8.13
C THR B 14 -16.48 11.51 -7.38
N THR B 15 -15.43 11.86 -8.11
CA THR B 15 -14.09 11.99 -7.56
C THR B 15 -13.59 13.41 -7.81
N LEU B 16 -13.20 14.08 -6.73
CA LEU B 16 -12.57 15.39 -6.80
C LEU B 16 -11.06 15.20 -6.80
N ILE B 17 -10.38 15.74 -7.81
CA ILE B 17 -8.92 15.63 -7.93
C ILE B 17 -8.34 17.05 -7.99
N THR B 18 -7.45 17.37 -7.04
CA THR B 18 -6.85 18.70 -6.98
C THR B 18 -5.49 18.71 -7.67
N GLY B 19 -5.03 19.91 -8.01
CA GLY B 19 -3.84 20.01 -8.86
C GLY B 19 -4.01 19.24 -10.16
N ALA B 20 -5.23 19.26 -10.71
CA ALA B 20 -5.62 18.36 -11.79
C ALA B 20 -4.88 18.63 -13.10
N ALA B 21 -4.34 19.83 -13.29
CA ALA B 21 -3.73 20.16 -14.57
C ALA B 21 -2.22 19.90 -14.61
N GLY B 22 -1.64 19.50 -13.48
CA GLY B 22 -0.23 19.16 -13.44
C GLY B 22 0.03 17.76 -13.99
N GLY B 23 1.32 17.38 -13.99
CA GLY B 23 1.70 16.09 -14.56
C GLY B 23 1.03 14.92 -13.86
N ILE B 24 1.15 14.87 -12.53
CA ILE B 24 0.49 13.80 -11.79
C ILE B 24 -1.03 13.98 -11.82
N GLY B 25 -1.50 15.24 -11.71
CA GLY B 25 -2.93 15.47 -11.68
C GLY B 25 -3.64 15.00 -12.95
N GLN B 26 -3.03 15.24 -14.10
CA GLN B 26 -3.65 14.82 -15.35
C GLN B 26 -3.73 13.30 -15.43
N ALA B 27 -2.69 12.61 -14.97
CA ALA B 27 -2.73 11.15 -14.94
C ALA B 27 -3.79 10.64 -13.99
N LEU B 28 -3.96 11.31 -12.84
CA LEU B 28 -5.02 10.95 -11.91
C LEU B 28 -6.40 11.10 -12.56
N VAL B 29 -6.64 12.25 -13.20
CA VAL B 29 -7.93 12.48 -13.84
C VAL B 29 -8.20 11.40 -14.90
N ARG B 30 -7.21 11.11 -15.74
CA ARG B 30 -7.39 10.12 -16.79
CA ARG B 30 -7.39 10.12 -16.79
C ARG B 30 -7.64 8.73 -16.21
N ARG B 31 -6.89 8.36 -15.16
CA ARG B 31 -7.07 7.02 -14.60
C ARG B 31 -8.45 6.87 -13.95
N PHE B 32 -8.89 7.89 -13.20
CA PHE B 32 -10.20 7.78 -12.56
C PHE B 32 -11.33 7.88 -13.58
N LEU B 33 -11.15 8.66 -14.64
CA LEU B 33 -12.15 8.64 -15.72
C LEU B 33 -12.23 7.26 -16.35
N ALA B 34 -11.06 6.64 -16.59
CA ALA B 34 -11.04 5.30 -17.16
C ALA B 34 -11.77 4.29 -16.27
N ALA B 35 -11.76 4.52 -14.96
CA ALA B 35 -12.43 3.62 -14.03
C ALA B 35 -13.92 3.85 -13.95
N GLY B 36 -14.44 4.83 -14.68
CA GLY B 36 -15.86 5.09 -14.76
C GLY B 36 -16.35 6.24 -13.91
N ASP B 37 -15.46 6.98 -13.26
CA ASP B 37 -15.87 8.06 -12.38
C ASP B 37 -16.27 9.31 -13.16
N ARG B 38 -17.20 10.07 -12.57
CA ARG B 38 -17.31 11.49 -12.86
C ARG B 38 -16.20 12.21 -12.09
N VAL B 39 -15.37 12.97 -12.79
CA VAL B 39 -14.21 13.59 -12.17
C VAL B 39 -14.40 15.10 -12.13
N LEU B 40 -14.21 15.69 -10.96
CA LEU B 40 -14.16 17.14 -10.81
C LEU B 40 -12.68 17.50 -10.79
N ALA B 41 -12.23 18.20 -11.84
CA ALA B 41 -10.81 18.52 -12.03
C ALA B 41 -10.58 19.92 -11.50
N LEU B 42 -9.90 20.01 -10.35
CA LEU B 42 -9.69 21.28 -9.68
C LEU B 42 -8.25 21.73 -9.86
N ASP B 43 -8.08 22.98 -10.26
CA ASP B 43 -6.75 23.57 -10.40
C ASP B 43 -6.88 25.08 -10.27
N ARG B 44 -5.79 25.71 -9.83
CA ARG B 44 -5.78 27.18 -9.77
C ARG B 44 -5.64 27.81 -11.14
N ASP B 45 -5.12 27.08 -12.12
CA ASP B 45 -4.80 27.66 -13.43
C ASP B 45 -5.97 27.43 -14.36
N ARG B 46 -6.74 28.50 -14.65
CA ARG B 46 -7.94 28.35 -15.46
C ARG B 46 -7.61 27.93 -16.89
N ALA B 47 -6.59 28.56 -17.49
CA ALA B 47 -6.25 28.24 -18.88
C ALA B 47 -5.74 26.82 -19.00
N ALA B 48 -4.99 26.35 -18.01
CA ALA B 48 -4.52 24.98 -18.03
C ALA B 48 -5.67 24.00 -17.93
N LEU B 49 -6.66 24.30 -17.08
CA LEU B 49 -7.83 23.45 -16.97
C LEU B 49 -8.61 23.41 -18.27
N ALA B 50 -8.81 24.58 -18.89
CA ALA B 50 -9.53 24.64 -20.16
C ALA B 50 -8.84 23.80 -21.22
N ALA B 51 -7.51 23.88 -21.31
CA ALA B 51 -6.80 23.08 -22.30
C ALA B 51 -6.95 21.60 -22.01
N PHE B 52 -6.89 21.22 -20.73
CA PHE B 52 -6.96 19.81 -20.36
C PHE B 52 -8.35 19.25 -20.62
N VAL B 53 -9.39 19.97 -20.19
CA VAL B 53 -10.76 19.53 -20.48
C VAL B 53 -10.98 19.36 -21.98
N ASP B 54 -10.49 20.31 -22.78
CA ASP B 54 -10.59 20.16 -24.24
C ASP B 54 -9.90 18.89 -24.72
N ALA B 55 -8.72 18.59 -24.16
CA ALA B 55 -7.97 17.42 -24.60
C ALA B 55 -8.64 16.11 -24.20
N LEU B 56 -9.49 16.11 -23.16
CA LEU B 56 -10.12 14.88 -22.69
C LEU B 56 -11.26 14.44 -23.58
N GLY B 57 -11.77 15.32 -24.43
CA GLY B 57 -12.65 14.90 -25.51
C GLY B 57 -14.08 14.58 -25.12
N GLY B 58 -14.64 15.26 -24.12
CA GLY B 58 -16.03 15.05 -23.78
C GLY B 58 -16.26 13.96 -22.76
N ALA B 59 -15.25 13.67 -21.94
CA ALA B 59 -15.38 12.72 -20.85
C ALA B 59 -16.27 13.30 -19.75
N ALA B 60 -16.50 12.47 -18.73
CA ALA B 60 -17.34 12.85 -17.59
C ALA B 60 -16.51 13.67 -16.60
N VAL B 61 -16.05 14.83 -17.07
CA VAL B 61 -15.16 15.69 -16.31
C VAL B 61 -15.76 17.09 -16.24
N ALA B 62 -15.52 17.78 -15.12
CA ALA B 62 -15.97 19.15 -14.97
C ALA B 62 -14.86 19.92 -14.27
N PRO B 63 -14.47 21.08 -14.79
CA PRO B 63 -13.39 21.85 -14.16
C PRO B 63 -13.90 22.65 -12.98
N VAL B 64 -13.01 22.84 -12.01
CA VAL B 64 -13.24 23.69 -10.85
C VAL B 64 -12.00 24.55 -10.67
N VAL B 65 -12.15 25.86 -10.79
CA VAL B 65 -11.03 26.78 -10.64
C VAL B 65 -11.04 27.29 -9.19
N ASP B 66 -10.02 26.91 -8.43
CA ASP B 66 -10.01 27.19 -7.00
C ASP B 66 -8.58 27.04 -6.49
N ASP B 67 -8.19 27.89 -5.54
CA ASP B 67 -6.82 27.91 -5.04
C ASP B 67 -6.65 27.26 -3.67
N LEU B 68 -7.72 26.64 -3.15
CA LEU B 68 -7.64 25.86 -1.91
C LEU B 68 -7.21 26.71 -0.71
N THR B 69 -7.73 27.95 -0.65
CA THR B 69 -7.52 28.80 0.50
C THR B 69 -8.81 29.02 1.30
N ASP B 70 -9.92 28.42 0.87
CA ASP B 70 -11.23 28.73 1.45
C ASP B 70 -12.10 27.48 1.31
N ALA B 71 -12.25 26.74 2.41
CA ALA B 71 -13.01 25.49 2.34
C ALA B 71 -14.50 25.75 2.09
N ALA B 72 -15.04 26.82 2.68
CA ALA B 72 -16.45 27.10 2.49
C ALA B 72 -16.75 27.48 1.05
N ARG B 73 -15.90 28.32 0.44
CA ARG B 73 -16.08 28.66 -0.96
C ARG B 73 -16.07 27.42 -1.84
N LEU B 74 -15.18 26.48 -1.55
CA LEU B 74 -15.11 25.26 -2.35
C LEU B 74 -16.30 24.36 -2.09
N ALA B 75 -16.72 24.25 -0.82
CA ALA B 75 -17.88 23.41 -0.51
C ALA B 75 -19.13 23.93 -1.22
N ASP B 76 -19.28 25.25 -1.30
CA ASP B 76 -20.44 25.81 -1.99
C ASP B 76 -20.35 25.60 -3.50
N ALA B 77 -19.15 25.68 -4.06
CA ALA B 77 -18.99 25.36 -5.47
C ALA B 77 -19.37 23.91 -5.77
N LEU B 78 -19.31 23.04 -4.76
CA LEU B 78 -19.62 21.63 -4.90
C LEU B 78 -21.02 21.28 -4.41
N ALA B 79 -21.90 22.27 -4.27
CA ALA B 79 -23.20 22.06 -3.63
C ALA B 79 -24.09 21.10 -4.43
N ASN B 80 -23.94 21.05 -5.75
CA ASN B 80 -24.72 20.13 -6.58
C ASN B 80 -23.97 18.84 -6.88
N GLU B 81 -22.88 18.59 -6.19
CA GLU B 81 -22.13 17.35 -6.34
C GLU B 81 -22.22 16.55 -5.05
N ARG B 82 -21.99 15.25 -5.17
CA ARG B 82 -21.89 14.35 -4.02
C ARG B 82 -20.54 13.65 -4.14
N VAL B 83 -19.49 14.31 -3.67
CA VAL B 83 -18.13 13.80 -3.85
C VAL B 83 -17.93 12.58 -2.95
N ASP B 84 -17.61 11.45 -3.57
CA ASP B 84 -17.35 10.17 -2.91
C ASP B 84 -15.87 9.95 -2.62
N VAL B 85 -14.99 10.51 -3.45
CA VAL B 85 -13.55 10.30 -3.37
C VAL B 85 -12.86 11.65 -3.56
N LEU B 86 -11.89 11.94 -2.71
CA LEU B 86 -11.01 13.08 -2.91
C LEU B 86 -9.59 12.58 -3.12
N VAL B 87 -8.96 12.97 -4.23
CA VAL B 87 -7.53 12.77 -4.39
C VAL B 87 -6.88 14.13 -4.22
N ALA B 88 -6.26 14.33 -3.06
CA ALA B 88 -5.67 15.63 -2.71
C ALA B 88 -4.25 15.65 -3.26
N ASN B 89 -4.07 16.32 -4.40
CA ASN B 89 -2.79 16.27 -5.11
C ASN B 89 -2.11 17.62 -5.25
N ALA B 90 -2.80 18.71 -4.97
CA ALA B 90 -2.20 20.04 -5.09
C ALA B 90 -1.07 20.24 -4.07
N GLY B 91 -0.09 21.04 -4.47
CA GLY B 91 1.01 21.44 -3.62
C GLY B 91 2.37 21.20 -4.22
N THR B 92 3.16 22.26 -4.38
CA THR B 92 4.53 22.17 -4.89
C THR B 92 5.49 22.76 -3.88
N ALA B 93 6.77 22.44 -4.04
CA ALA B 93 7.81 22.89 -3.12
C ALA B 93 8.36 24.24 -3.56
N ALA B 94 8.59 25.11 -2.59
CA ALA B 94 9.31 26.34 -2.84
C ALA B 94 10.80 26.11 -2.59
N SER B 95 11.29 26.51 -1.43
CA SER B 95 12.72 26.55 -1.20
C SER B 95 13.32 25.15 -1.14
N ALA B 96 14.52 25.00 -1.74
CA ALA B 96 15.19 23.70 -1.79
C ALA B 96 15.98 23.37 -0.54
N THR B 97 16.40 24.38 0.23
CA THR B 97 17.23 24.16 1.41
C THR B 97 16.74 25.08 2.50
N LEU B 98 17.13 24.77 3.74
CA LEU B 98 16.87 25.68 4.85
C LEU B 98 17.66 26.98 4.66
N ARG B 99 18.86 26.90 4.09
CA ARG B 99 19.65 28.10 3.79
C ARG B 99 18.84 29.08 2.93
N ALA B 100 18.09 28.55 1.96
CA ALA B 100 17.32 29.37 1.03
C ALA B 100 15.95 29.76 1.58
N THR B 101 15.55 29.15 2.69
CA THR B 101 14.19 29.32 3.21
C THR B 101 14.08 30.59 4.05
N THR B 102 12.94 31.25 3.93
CA THR B 102 12.58 32.39 4.76
C THR B 102 11.34 32.04 5.58
N SER B 103 11.06 32.84 6.62
CA SER B 103 9.83 32.61 7.38
C SER B 103 8.62 32.65 6.45
N ALA B 104 8.64 33.56 5.48
CA ALA B 104 7.52 33.70 4.55
C ALA B 104 7.42 32.50 3.62
N SER B 105 8.55 32.05 3.07
CA SER B 105 8.48 30.89 2.17
C SER B 105 8.18 29.61 2.94
N TRP B 106 8.62 29.54 4.20
CA TRP B 106 8.26 28.41 5.07
C TRP B 106 6.74 28.36 5.26
N ARG B 107 6.13 29.49 5.66
CA ARG B 107 4.69 29.49 5.89
C ARG B 107 3.94 29.24 4.59
N ALA B 108 4.45 29.77 3.48
CA ALA B 108 3.79 29.57 2.19
C ALA B 108 3.78 28.09 1.80
N ASP B 109 4.89 27.39 2.07
CA ASP B 109 4.93 25.97 1.75
C ASP B 109 3.99 25.18 2.65
N LEU B 110 3.91 25.55 3.94
CA LEU B 110 2.95 24.89 4.82
C LEU B 110 1.53 25.10 4.33
N ASP B 111 1.19 26.33 3.93
CA ASP B 111 -0.17 26.58 3.48
C ASP B 111 -0.48 25.85 2.18
N ALA B 112 0.48 25.79 1.26
CA ALA B 112 0.20 25.20 -0.06
C ALA B 112 0.19 23.69 -0.04
N ASN B 113 0.89 23.05 0.91
CA ASN B 113 1.08 21.62 0.88
C ASN B 113 0.43 20.87 2.02
N LEU B 114 0.09 21.54 3.11
CA LEU B 114 -0.60 20.90 4.22
C LEU B 114 -1.99 21.49 4.42
N THR B 115 -2.09 22.81 4.59
CA THR B 115 -3.40 23.40 4.83
C THR B 115 -4.29 23.34 3.59
N ALA B 116 -3.72 23.42 2.39
CA ALA B 116 -4.52 23.26 1.19
C ALA B 116 -5.23 21.91 1.16
N THR B 117 -4.59 20.89 1.72
CA THR B 117 -5.23 19.58 1.82
C THR B 117 -6.32 19.58 2.88
N TYR B 118 -6.07 20.20 4.03
CA TYR B 118 -7.11 20.39 5.02
C TYR B 118 -8.33 21.08 4.41
N VAL B 119 -8.10 22.13 3.63
CA VAL B 119 -9.20 22.85 2.98
C VAL B 119 -9.96 21.92 2.03
N SER B 120 -9.23 21.14 1.25
CA SER B 120 -9.85 20.24 0.27
CA SER B 120 -9.90 20.28 0.28
C SER B 120 -10.73 19.21 0.97
N VAL B 121 -10.23 18.63 2.06
CA VAL B 121 -11.00 17.64 2.82
C VAL B 121 -12.25 18.27 3.41
N GLU B 122 -12.09 19.42 4.08
CA GLU B 122 -13.24 20.04 4.72
C GLU B 122 -14.32 20.45 3.74
N ALA B 123 -13.97 20.61 2.46
CA ALA B 123 -14.97 20.95 1.46
C ALA B 123 -15.87 19.78 1.09
N VAL B 124 -15.49 18.55 1.41
CA VAL B 124 -16.25 17.39 0.97
C VAL B 124 -16.61 16.45 2.13
N LEU B 125 -16.00 16.63 3.29
CA LEU B 125 -16.06 15.59 4.32
C LEU B 125 -17.45 15.46 4.92
N ALA B 126 -18.18 16.57 5.08
CA ALA B 126 -19.48 16.50 5.72
C ALA B 126 -20.44 15.63 4.92
N GLY B 127 -20.43 15.77 3.60
CA GLY B 127 -21.28 14.94 2.76
C GLY B 127 -20.87 13.49 2.78
N MET B 128 -19.57 13.21 2.77
CA MET B 128 -19.09 11.84 2.92
C MET B 128 -19.62 11.22 4.20
N ARG B 129 -19.52 11.96 5.31
CA ARG B 129 -20.04 11.46 6.59
C ARG B 129 -21.55 11.24 6.54
N ALA B 130 -22.29 12.20 5.96
CA ALA B 130 -23.74 12.05 5.92
C ALA B 130 -24.17 10.83 5.13
N ARG B 131 -23.42 10.48 4.09
CA ARG B 131 -23.70 9.32 3.25
C ARG B 131 -23.00 8.07 3.75
N ARG B 132 -22.20 8.19 4.80
CA ARG B 132 -21.42 7.08 5.38
C ARG B 132 -20.53 6.42 4.33
N ARG B 133 -19.93 7.24 3.46
CA ARG B 133 -19.10 6.71 2.39
C ARG B 133 -18.15 7.79 1.91
N GLY B 134 -16.85 7.54 2.05
CA GLY B 134 -15.88 8.48 1.52
C GLY B 134 -14.51 7.87 1.53
N ALA B 135 -13.69 8.22 0.52
CA ALA B 135 -12.29 7.83 0.52
C ALA B 135 -11.48 9.08 0.27
N ILE B 136 -10.50 9.33 1.12
CA ILE B 136 -9.59 10.46 0.99
C ILE B 136 -8.21 9.89 0.69
N THR B 137 -7.66 10.25 -0.46
CA THR B 137 -6.38 9.71 -0.90
C THR B 137 -5.45 10.89 -1.13
N ILE B 138 -4.45 11.04 -0.28
CA ILE B 138 -3.58 12.22 -0.28
C ILE B 138 -2.30 11.88 -1.02
N VAL B 139 -1.89 12.73 -1.96
CA VAL B 139 -0.62 12.53 -2.63
C VAL B 139 0.44 13.27 -1.81
N GLY B 140 1.27 12.50 -1.12
CA GLY B 140 2.33 13.07 -0.31
C GLY B 140 3.65 13.07 -1.05
N SER B 141 4.71 12.65 -0.38
CA SER B 141 6.04 12.60 -0.97
C SER B 141 6.93 11.75 -0.09
N VAL B 142 7.91 11.09 -0.71
CA VAL B 142 8.95 10.45 0.09
C VAL B 142 9.68 11.46 0.96
N ASN B 143 9.67 12.75 0.58
CA ASN B 143 10.31 13.78 1.40
C ASN B 143 9.63 13.92 2.75
N GLY B 144 8.39 13.47 2.88
CA GLY B 144 7.71 13.52 4.16
C GLY B 144 8.13 12.42 5.12
N VAL B 145 9.01 11.53 4.67
CA VAL B 145 9.43 10.37 5.44
C VAL B 145 10.93 10.37 5.72
N ALA B 146 11.72 10.86 4.78
CA ALA B 146 13.17 10.94 4.89
C ALA B 146 13.65 12.32 4.45
N ALA B 147 14.75 12.78 5.05
CA ALA B 147 15.28 14.09 4.71
C ALA B 147 16.04 14.02 3.40
N LEU B 148 15.51 14.72 2.39
CA LEU B 148 16.05 14.71 1.03
C LEU B 148 16.12 16.10 0.43
N GLY B 149 15.90 17.15 1.22
CA GLY B 149 15.81 18.51 0.71
C GLY B 149 14.37 19.02 0.73
N HIS B 150 14.23 20.28 0.30
CA HIS B 150 12.95 21.00 0.27
C HIS B 150 12.27 20.93 1.63
N PRO B 151 12.82 21.65 2.62
CA PRO B 151 12.50 21.31 4.02
C PRO B 151 11.10 21.72 4.47
N ALA B 152 10.61 22.89 4.07
CA ALA B 152 9.25 23.24 4.47
C ALA B 152 8.23 22.36 3.78
N TYR B 153 8.44 22.08 2.49
CA TYR B 153 7.63 21.11 1.77
C TYR B 153 7.64 19.77 2.50
N SER B 154 8.82 19.33 2.92
CA SER B 154 8.93 18.02 3.58
C SER B 154 8.18 18.00 4.90
N ALA B 155 8.29 19.06 5.70
CA ALA B 155 7.54 19.15 6.96
C ALA B 155 6.05 19.12 6.72
N ALA B 156 5.58 19.84 5.70
CA ALA B 156 4.17 19.78 5.31
C ALA B 156 3.77 18.37 4.93
N LYS B 157 4.61 17.68 4.14
CA LYS B 157 4.25 16.33 3.70
C LYS B 157 4.30 15.34 4.85
N ALA B 158 5.18 15.56 5.85
CA ALA B 158 5.10 14.74 7.06
C ALA B 158 3.79 15.01 7.80
N GLY B 159 3.38 16.27 7.87
CA GLY B 159 2.10 16.60 8.48
C GLY B 159 0.93 15.92 7.80
N LEU B 160 1.02 15.70 6.49
CA LEU B 160 -0.07 15.05 5.75
C LEU B 160 -0.24 13.61 6.19
N ILE B 161 0.87 12.92 6.46
CA ILE B 161 0.80 11.57 6.98
C ILE B 161 0.11 11.55 8.33
N SER B 162 0.46 12.51 9.21
CA SER B 162 -0.23 12.62 10.49
C SER B 162 -1.70 12.91 10.29
N TYR B 163 -2.02 13.83 9.39
CA TYR B 163 -3.40 14.23 9.17
C TYR B 163 -4.24 13.05 8.67
N ALA B 164 -3.68 12.23 7.77
CA ALA B 164 -4.41 11.06 7.30
C ALA B 164 -4.71 10.11 8.46
N LYS B 165 -3.75 9.93 9.36
CA LYS B 165 -3.98 9.04 10.50
CA LYS B 165 -4.00 9.03 10.49
C LYS B 165 -5.04 9.62 11.44
N SER B 166 -5.01 10.93 11.65
CA SER B 166 -6.05 11.59 12.43
C SER B 166 -7.43 11.42 11.79
N LEU B 167 -7.52 11.65 10.47
CA LEU B 167 -8.76 11.40 9.74
C LEU B 167 -9.22 9.96 9.90
N ALA B 168 -8.29 9.01 9.76
CA ALA B 168 -8.65 7.60 9.82
C ALA B 168 -9.30 7.24 11.15
N ILE B 169 -8.70 7.67 12.27
CA ILE B 169 -9.21 7.21 13.55
C ILE B 169 -10.50 7.92 13.91
N GLU B 170 -10.69 9.14 13.44
CA GLU B 170 -11.87 9.90 13.83
C GLU B 170 -13.08 9.61 12.97
N TYR B 171 -12.87 9.32 11.69
CA TYR B 171 -13.99 9.20 10.77
C TYR B 171 -14.18 7.81 10.19
N GLY B 172 -13.36 6.82 10.61
CA GLY B 172 -13.59 5.46 10.20
C GLY B 172 -14.98 4.97 10.59
N ARG B 173 -15.46 5.40 11.76
CA ARG B 173 -16.81 5.08 12.23
C ARG B 173 -17.90 5.64 11.33
N ASP B 174 -17.57 6.63 10.51
CA ASP B 174 -18.49 7.20 9.54
C ASP B 174 -18.31 6.60 8.15
N GLY B 175 -17.51 5.54 8.02
CA GLY B 175 -17.29 4.95 6.71
C GLY B 175 -16.41 5.76 5.79
N VAL B 176 -15.51 6.56 6.35
CA VAL B 176 -14.56 7.37 5.58
C VAL B 176 -13.17 6.81 5.82
N ARG B 177 -12.44 6.54 4.72
CA ARG B 177 -11.05 6.11 4.79
C ARG B 177 -10.12 7.23 4.34
N ALA B 178 -8.89 7.25 4.88
CA ALA B 178 -7.89 8.25 4.52
C ALA B 178 -6.52 7.59 4.44
N ASN B 179 -5.84 7.77 3.30
CA ASN B 179 -4.53 7.16 3.08
C ASN B 179 -3.63 8.11 2.30
N VAL B 180 -2.33 7.82 2.31
CA VAL B 180 -1.35 8.66 1.64
C VAL B 180 -0.55 7.82 0.66
N VAL B 181 -0.43 8.31 -0.57
CA VAL B 181 0.50 7.80 -1.56
C VAL B 181 1.72 8.72 -1.56
N CYS B 182 2.92 8.14 -1.44
CA CYS B 182 4.16 8.93 -1.39
C CYS B 182 5.06 8.65 -2.58
N PRO B 183 4.99 9.46 -3.64
CA PRO B 183 5.90 9.28 -4.78
C PRO B 183 7.31 9.78 -4.50
N GLY B 184 8.25 9.18 -5.22
CA GLY B 184 9.59 9.72 -5.32
C GLY B 184 9.67 10.57 -6.56
N THR B 185 10.79 10.49 -7.29
CA THR B 185 10.87 11.16 -8.58
C THR B 185 9.83 10.57 -9.53
N VAL B 186 9.14 11.46 -10.24
CA VAL B 186 8.07 11.06 -11.15
C VAL B 186 8.36 11.63 -12.53
N LYS B 187 8.20 10.80 -13.57
CA LYS B 187 8.49 11.18 -14.94
C LYS B 187 7.31 11.91 -15.57
N THR B 188 7.04 13.11 -15.05
CA THR B 188 6.04 14.01 -15.62
C THR B 188 6.53 14.53 -16.97
N PRO B 189 5.64 15.12 -17.79
CA PRO B 189 6.11 15.72 -19.05
C PRO B 189 7.13 16.82 -18.83
N ALA B 190 6.97 17.62 -17.77
CA ALA B 190 7.97 18.64 -17.47
C ALA B 190 9.31 18.00 -17.14
N TRP B 191 9.30 16.92 -16.34
CA TRP B 191 10.51 16.21 -15.99
C TRP B 191 11.20 15.64 -17.23
N GLU B 192 10.42 15.05 -18.13
CA GLU B 192 10.99 14.54 -19.38
C GLU B 192 11.62 15.67 -20.19
N ALA B 193 10.99 16.84 -20.20
CA ALA B 193 11.54 17.97 -20.93
C ALA B 193 12.81 18.49 -20.28
N ARG B 194 12.85 18.51 -18.94
CA ARG B 194 14.08 18.88 -18.24
C ARG B 194 15.18 17.86 -18.51
N VAL B 195 14.85 16.56 -18.41
CA VAL B 195 15.83 15.51 -18.67
C VAL B 195 16.32 15.58 -20.11
N ARG B 196 15.44 15.93 -21.04
CA ARG B 196 15.84 16.05 -22.44
C ARG B 196 16.85 17.17 -22.65
N GLN B 197 16.90 18.15 -21.74
CA GLN B 197 17.93 19.18 -21.82
C GLN B 197 19.30 18.66 -21.42
N ASN B 198 19.36 17.58 -20.63
CA ASN B 198 20.62 17.00 -20.21
C ASN B 198 20.43 15.56 -19.71
N PHE B 202 20.78 13.97 -15.06
CA PHE B 202 19.60 13.40 -14.42
C PHE B 202 19.70 11.88 -14.33
N GLU B 203 20.47 11.28 -15.26
CA GLU B 203 20.77 9.86 -15.17
C GLU B 203 21.60 9.52 -13.94
N GLN B 204 22.22 10.52 -13.30
CA GLN B 204 22.84 10.29 -12.02
C GLN B 204 21.83 9.98 -10.94
N LEU B 205 20.54 10.25 -11.17
CA LEU B 205 19.54 9.97 -10.16
C LEU B 205 19.12 8.52 -10.13
N LYS B 206 19.31 7.77 -11.22
CA LYS B 206 18.80 6.40 -11.26
C LYS B 206 19.49 5.50 -10.26
N LYS B 207 20.75 5.83 -9.89
CA LYS B 207 21.48 5.00 -8.95
C LYS B 207 20.79 4.90 -7.59
N TRP B 208 20.02 5.93 -7.21
CA TRP B 208 19.35 5.91 -5.91
C TRP B 208 18.18 4.95 -5.86
N TYR B 209 17.65 4.57 -7.03
CA TYR B 209 16.40 3.86 -7.10
C TYR B 209 16.64 2.38 -7.37
N PRO B 210 16.20 1.48 -6.48
CA PRO B 210 16.41 0.04 -6.73
C PRO B 210 15.85 -0.44 -8.06
N LEU B 211 14.68 0.05 -8.46
CA LEU B 211 14.13 -0.40 -9.74
C LEU B 211 14.85 0.22 -10.93
N ASP B 212 15.85 1.07 -10.69
CA ASP B 212 16.70 1.68 -11.72
CA ASP B 212 16.68 1.65 -11.74
C ASP B 212 15.88 2.47 -12.73
N ASP B 213 14.71 2.93 -12.30
CA ASP B 213 13.81 3.71 -13.12
C ASP B 213 12.89 4.45 -12.17
N PHE B 214 12.22 5.46 -12.69
CA PHE B 214 11.37 6.29 -11.86
C PHE B 214 9.91 5.94 -12.10
N ALA B 215 9.09 6.25 -11.10
CA ALA B 215 7.66 6.10 -11.27
C ALA B 215 7.14 7.00 -12.39
N THR B 216 6.09 6.54 -13.04
CA THR B 216 5.42 7.43 -13.98
C THR B 216 4.21 8.07 -13.31
N PRO B 217 3.68 9.14 -13.89
CA PRO B 217 2.41 9.66 -13.36
C PRO B 217 1.34 8.59 -13.28
N ASP B 218 1.25 7.71 -14.29
CA ASP B 218 0.22 6.67 -14.24
CA ASP B 218 0.26 6.64 -14.28
C ASP B 218 0.50 5.68 -13.12
N ASP B 219 1.76 5.40 -12.80
CA ASP B 219 2.06 4.56 -11.65
C ASP B 219 1.48 5.14 -10.36
N VAL B 220 1.68 6.44 -10.14
CA VAL B 220 1.09 7.09 -8.98
C VAL B 220 -0.44 6.98 -9.04
N ALA B 221 -1.01 7.23 -10.23
CA ALA B 221 -2.47 7.18 -10.35
C ALA B 221 -3.00 5.79 -10.06
N ASN B 222 -2.28 4.75 -10.48
CA ASN B 222 -2.74 3.38 -10.21
C ASN B 222 -2.81 3.11 -8.71
N ALA B 223 -1.83 3.63 -7.93
CA ALA B 223 -1.87 3.44 -6.50
C ALA B 223 -3.03 4.22 -5.87
N ALA B 224 -3.24 5.46 -6.32
CA ALA B 224 -4.36 6.25 -5.82
C ALA B 224 -5.70 5.58 -6.13
N LEU B 225 -5.83 5.03 -7.35
CA LEU B 225 -7.04 4.31 -7.72
C LEU B 225 -7.26 3.10 -6.81
N PHE B 226 -6.21 2.30 -6.59
CA PHE B 226 -6.36 1.16 -5.70
C PHE B 226 -6.82 1.59 -4.32
N LEU B 227 -6.12 2.56 -3.72
CA LEU B 227 -6.44 2.96 -2.35
C LEU B 227 -7.84 3.56 -2.25
N SER B 228 -8.35 4.14 -3.34
CA SER B 228 -9.67 4.74 -3.35
C SER B 228 -10.79 3.73 -3.63
N SER B 229 -10.45 2.45 -3.85
CA SER B 229 -11.40 1.45 -4.33
C SER B 229 -11.84 0.51 -3.21
N ASP B 230 -12.89 -0.27 -3.51
CA ASP B 230 -13.36 -1.28 -2.56
C ASP B 230 -12.36 -2.40 -2.36
N ALA B 231 -11.38 -2.53 -3.26
CA ALA B 231 -10.30 -3.50 -3.08
C ALA B 231 -9.36 -3.08 -1.96
N ALA B 232 -9.54 -1.88 -1.42
CA ALA B 232 -8.78 -1.36 -0.29
C ALA B 232 -9.74 -0.95 0.83
N ARG B 233 -10.90 -1.61 0.91
CA ARG B 233 -11.93 -1.17 1.85
C ARG B 233 -11.51 -1.35 3.31
N ALA B 234 -10.47 -2.15 3.57
CA ALA B 234 -9.97 -2.32 4.93
C ALA B 234 -8.68 -1.53 5.17
N ILE B 235 -8.31 -0.65 4.25
CA ILE B 235 -7.04 0.08 4.35
C ILE B 235 -7.35 1.53 4.71
N THR B 236 -6.86 1.96 5.86
CA THR B 236 -7.02 3.36 6.22
C THR B 236 -5.88 3.74 7.16
N GLY B 237 -5.41 4.98 7.03
CA GLY B 237 -4.28 5.43 7.80
C GLY B 237 -2.94 4.98 7.26
N ALA B 238 -2.91 4.44 6.05
CA ALA B 238 -1.71 3.82 5.52
C ALA B 238 -0.91 4.83 4.70
N MET B 239 0.40 4.60 4.67
CA MET B 239 1.33 5.35 3.84
C MET B 239 1.91 4.37 2.82
N LEU B 240 1.59 4.59 1.53
CA LEU B 240 2.05 3.68 0.49
C LEU B 240 3.09 4.38 -0.40
N PRO B 241 4.37 3.99 -0.34
CA PRO B 241 5.38 4.63 -1.21
C PRO B 241 5.26 4.10 -2.63
N VAL B 242 5.30 5.02 -3.60
CA VAL B 242 5.36 4.67 -5.01
C VAL B 242 6.65 5.29 -5.53
N ASP B 243 7.77 4.64 -5.19
CA ASP B 243 9.05 5.34 -5.24
C ASP B 243 10.17 4.49 -5.84
N GLY B 244 9.83 3.43 -6.55
CA GLY B 244 10.86 2.57 -7.11
C GLY B 244 11.79 1.97 -6.08
N GLY B 245 11.39 1.95 -4.82
CA GLY B 245 12.20 1.40 -3.73
C GLY B 245 13.05 2.39 -2.97
N LEU B 246 12.89 3.70 -3.22
CA LEU B 246 13.79 4.69 -2.63
C LEU B 246 13.81 4.63 -1.11
N LEU B 247 12.64 4.50 -0.47
CA LEU B 247 12.58 4.57 0.99
C LEU B 247 13.07 3.30 1.67
N ALA B 248 13.28 2.21 0.92
CA ALA B 248 13.67 0.95 1.54
C ALA B 248 15.04 1.01 2.20
N GLY B 249 15.94 1.83 1.68
CA GLY B 249 17.26 1.97 2.27
C GLY B 249 18.16 2.78 1.37
N ASN B 250 19.37 2.29 1.11
CA ASN B 250 20.32 3.04 0.31
C ASN B 250 21.24 2.03 -0.38
N ARG B 251 20.91 1.69 -1.63
CA ARG B 251 21.70 0.68 -2.31
C ARG B 251 23.08 1.20 -2.72
N VAL B 252 23.25 2.52 -2.84
CA VAL B 252 24.55 3.07 -3.17
C VAL B 252 25.49 2.94 -1.98
N MET B 253 25.00 3.29 -0.78
CA MET B 253 25.79 3.07 0.42
C MET B 253 25.99 1.57 0.69
N ALA B 254 24.97 0.76 0.41
CA ALA B 254 25.11 -0.67 0.65
C ALA B 254 26.26 -1.26 -0.15
N GLN B 255 26.43 -0.80 -1.39
CA GLN B 255 27.54 -1.24 -2.21
C GLN B 255 28.88 -0.91 -1.54
N GLU B 256 28.98 0.27 -0.92
CA GLU B 256 30.24 0.64 -0.28
C GLU B 256 30.44 -0.11 1.04
N LEU B 257 29.36 -0.45 1.73
CA LEU B 257 29.49 -1.13 3.03
C LEU B 257 29.74 -2.62 2.88
N THR B 258 29.29 -3.21 1.77
CA THR B 258 29.41 -4.63 1.55
C THR B 258 30.56 -4.99 0.61
N LEU B 259 31.05 -4.01 -0.15
CA LEU B 259 32.06 -4.25 -1.19
C LEU B 259 31.54 -5.23 -2.24
N GLU B 260 30.24 -5.14 -2.52
CA GLU B 260 29.59 -5.90 -3.59
C GLU B 260 28.70 -4.96 -4.39
N SER B 261 28.53 -5.28 -5.66
CA SER B 261 27.75 -4.41 -6.56
C SER B 261 26.25 -4.57 -6.31
N PHE B 262 25.54 -3.44 -6.22
CA PHE B 262 24.09 -3.43 -6.13
C PHE B 262 23.40 -2.83 -7.35
N TYR B 263 24.15 -2.29 -8.29
CA TYR B 263 23.57 -1.69 -9.49
C TYR B 263 24.58 -1.60 -10.63
S SO4 C . 1.59 -22.80 7.97
O1 SO4 C . 1.21 -21.39 7.93
O2 SO4 C . 1.32 -23.41 6.68
O3 SO4 C . 0.80 -23.48 8.99
O4 SO4 C . 3.00 -22.91 8.29
S SO4 D . -9.30 -9.87 -11.77
O1 SO4 D . -10.36 -8.88 -11.88
O2 SO4 D . -9.06 -10.44 -13.09
O3 SO4 D . -9.71 -10.91 -10.83
O4 SO4 D . -8.07 -9.23 -11.30
S SO4 E . 15.61 -25.72 20.13
O1 SO4 E . 14.82 -26.96 20.13
O2 SO4 E . 15.02 -24.78 19.19
O3 SO4 E . 15.61 -25.15 21.47
O4 SO4 E . 16.97 -26.03 19.72
C1 EDO F . 0.30 -8.41 -14.55
O1 EDO F . -0.15 -7.39 -13.66
C2 EDO F . 1.83 -8.49 -14.51
O2 EDO F . 2.22 -9.53 -13.63
C1 EDO G . 4.69 -24.78 4.87
O1 EDO G . 4.92 -24.33 6.22
C2 EDO G . 3.34 -24.28 4.38
O2 EDO G . 2.31 -24.92 5.16
C1 EDO H . -10.29 -20.87 -13.98
C1 EDO H . -10.64 -20.51 -12.47
O1 EDO H . -9.73 -19.65 -14.50
O1 EDO H . -11.29 -20.02 -11.30
C2 EDO H . -9.75 -21.14 -12.59
C2 EDO H . -9.18 -20.80 -12.12
O2 EDO H . -8.35 -21.47 -12.64
O2 EDO H . -8.53 -21.48 -13.21
C1 EDO I . 18.87 -26.66 -7.38
O1 EDO I . 19.41 -26.28 -6.10
C2 EDO I . 17.59 -27.46 -7.18
O2 EDO I . 17.80 -28.44 -6.15
C1 EDO J . 3.39 -27.59 -16.08
O1 EDO J . 4.82 -27.47 -16.12
C2 EDO J . 2.77 -26.23 -16.29
O2 EDO J . 3.31 -25.62 -17.47
C1 EDO K . -3.32 -8.53 15.03
O1 EDO K . -3.43 -7.75 16.21
C2 EDO K . -4.08 -9.83 15.26
O2 EDO K . -5.19 -9.55 16.11
C1 EDO L . -1.40 -13.41 14.67
O1 EDO L . -1.79 -12.04 14.59
C2 EDO L . -1.23 -13.82 16.13
O2 EDO L . -2.49 -13.72 16.80
C1 EDO M . 14.03 -20.43 28.23
O1 EDO M . 13.06 -19.45 27.80
C2 EDO M . 13.45 -21.83 28.12
O2 EDO M . 14.35 -22.76 28.74
S SO4 N . -10.77 0.23 -14.23
O1 SO4 N . -10.28 1.34 -15.04
O2 SO4 N . -12.16 -0.06 -14.59
O3 SO4 N . -10.71 0.58 -12.82
O4 SO4 N . -9.94 -0.95 -14.48
S SO4 O . 12.46 13.68 -4.52
O1 SO4 O . 11.07 13.28 -4.30
O2 SO4 O . 12.62 14.12 -5.92
O3 SO4 O . 12.81 14.77 -3.63
O4 SO4 O . 13.33 12.53 -4.28
C1 EDO P . 17.65 7.55 0.03
C1 EDO P . 16.99 7.25 -0.12
O1 EDO P . 18.74 6.61 -0.06
O1 EDO P . 18.15 6.57 0.39
C2 EDO P . 16.77 7.26 1.23
C2 EDO P . 16.03 7.56 1.03
O2 EDO P . 17.42 7.66 2.45
O2 EDO P . 15.73 6.36 1.74
C1 EDO Q . 6.31 18.90 -12.99
C1 EDO Q . 4.38 19.00 -13.87
O1 EDO Q . 7.14 17.95 -12.32
O1 EDO Q . 3.46 18.63 -12.84
C2 EDO Q . 4.87 18.40 -12.99
C2 EDO Q . 3.64 19.77 -14.95
O2 EDO Q . 4.40 18.29 -11.65
O2 EDO Q . 2.83 20.78 -14.33
C1 EDO R . -19.35 21.44 -9.82
O1 EDO R . -20.75 21.10 -9.80
C2 EDO R . -18.82 21.28 -11.23
O2 EDO R . -19.56 22.14 -12.11
C1 EDO S . -5.13 24.63 -6.21
O1 EDO S . -3.94 25.14 -5.61
C2 EDO S . -4.77 23.48 -7.16
O2 EDO S . -4.02 23.99 -8.26
C1 EDO T . -16.10 8.09 -20.45
O1 EDO T . -16.41 7.06 -19.50
C2 EDO T . -15.04 9.01 -19.84
O2 EDO T . -15.71 9.83 -18.90
C1 EDO U . -8.80 32.81 -11.47
O1 EDO U . -10.19 32.73 -11.13
C2 EDO U . -8.66 32.90 -12.99
O2 EDO U . -9.29 34.10 -13.44
C1 EDO V . 21.24 6.18 4.69
O1 EDO V . 21.31 7.11 3.60
C2 EDO V . 19.79 6.03 5.13
O2 EDO V . 19.00 5.55 4.02
C1 EDO W . -24.21 16.67 -11.49
O1 EDO W . -24.91 17.60 -10.67
C2 EDO W . -24.12 15.34 -10.76
O2 EDO W . -25.42 14.94 -10.31
C1 EDO X . -13.87 18.33 -25.17
O1 EDO X . -14.56 19.30 -24.37
C2 EDO X . -13.59 18.91 -26.56
O2 EDO X . -12.89 17.93 -27.34
C1 EDO Y . 2.07 16.73 -7.97
O1 EDO Y . 1.64 16.14 -6.73
C2 EDO Y . 2.38 18.21 -7.79
O2 EDO Y . 1.19 18.94 -7.47
C1 EDO Z . 3.94 5.91 8.41
O1 EDO Z . 2.62 5.55 8.00
C2 EDO Z . 4.58 6.84 7.38
O2 EDO Z . 5.72 7.49 7.93
NA NA AA . -2.97 15.05 12.51
#